data_6BT2
#
_entry.id   6BT2
#
_cell.length_a   62.004
_cell.length_b   69.437
_cell.length_c   153.496
_cell.angle_alpha   90.00
_cell.angle_beta   90.00
_cell.angle_gamma   90.00
#
_symmetry.space_group_name_H-M   'P 21 21 21'
#
loop_
_entity.id
_entity.type
_entity.pdbx_description
1 polymer Nocturnin
2 non-polymer 'MAGNESIUM ION'
3 non-polymer 'SULFATE ION'
4 water water
#
_entity_poly.entity_id   1
_entity_poly.type   'polypeptide(L)'
_entity_poly.pdbx_seq_one_letter_code
;STRPPRFQRDFVDLRTDCPSTHPPIRVMQWNILAQALGEGKDNFVQCPVEALKWEERKCLILEEILAYQPDILCLQEVDH
YFDTFQPLLSRLGYQGTFFPKPWSPCLDVEHNNGPDGCALFFLQNRFKLVNSANIRLTAMTLKTNQVAIAQTLECKESGR
QFCIAVTHLKARTGWERFRSAQGCDLLQNLQNITQGAKIPLIVCGDFNAEPTEEVYKHFASSSLNLNSAYKLLSADGQSE
PPYTTWKIRTSGECRHTLDYIWYSKHALNVRSALDLLTEEQIGPNRLPSFNYPSDHLSLVCDFSFTEESDGLS
;
_entity_poly.pdbx_strand_id   A,B
#
loop_
_chem_comp.id
_chem_comp.type
_chem_comp.name
_chem_comp.formula
MG non-polymer 'MAGNESIUM ION' 'Mg 2'
SO4 non-polymer 'SULFATE ION' 'O4 S -2'
#
# COMPACT_ATOMS: atom_id res chain seq x y z
N ARG A 3 -26.70 7.84 29.92
CA ARG A 3 -26.46 8.26 28.54
C ARG A 3 -25.12 7.75 27.98
N PRO A 4 -25.02 7.58 26.66
CA PRO A 4 -23.82 7.03 26.03
C PRO A 4 -22.61 7.99 26.10
N PRO A 5 -21.40 7.45 26.34
CA PRO A 5 -20.16 8.20 26.57
C PRO A 5 -19.83 9.26 25.50
N ARG A 6 -20.16 9.03 24.24
CA ARG A 6 -19.91 10.03 23.20
C ARG A 6 -20.65 11.34 23.49
N PHE A 7 -21.79 11.23 24.17
CA PHE A 7 -22.57 12.38 24.60
C PHE A 7 -22.27 12.75 26.06
N GLN A 8 -21.25 12.13 26.66
CA GLN A 8 -20.84 12.47 28.03
C GLN A 8 -19.68 13.47 28.04
N ARG A 9 -19.03 13.63 26.89
CA ARG A 9 -17.85 14.49 26.81
C ARG A 9 -18.22 15.87 26.28
N ASP A 10 -17.57 16.90 26.80
CA ASP A 10 -17.85 18.25 26.34
C ASP A 10 -16.62 18.96 25.78
N PHE A 11 -16.86 19.76 24.74
CA PHE A 11 -15.84 20.61 24.17
C PHE A 11 -15.52 21.76 25.09
N VAL A 12 -14.23 21.95 25.36
CA VAL A 12 -13.80 23.05 26.19
C VAL A 12 -13.29 24.16 25.30
N ASP A 13 -13.89 25.34 25.46
CA ASP A 13 -13.54 26.51 24.67
C ASP A 13 -12.18 27.03 25.11
N LEU A 14 -11.28 27.21 24.15
CA LEU A 14 -9.94 27.72 24.46
C LEU A 14 -9.69 29.08 23.80
N ARG A 15 -10.57 29.46 22.88
CA ARG A 15 -10.46 30.73 22.17
C ARG A 15 -10.47 31.92 23.12
N PRO A 23 -13.83 29.73 10.05
CA PRO A 23 -14.46 28.41 10.14
C PRO A 23 -13.41 27.35 10.43
N PRO A 24 -13.32 26.91 11.70
CA PRO A 24 -12.21 26.07 12.17
C PRO A 24 -12.07 24.72 11.44
N ILE A 25 -10.91 24.09 11.63
CA ILE A 25 -10.68 22.74 11.11
C ILE A 25 -10.72 21.74 12.27
N ARG A 26 -11.65 20.80 12.20
CA ARG A 26 -11.81 19.86 13.29
C ARG A 26 -11.08 18.56 12.99
N VAL A 27 -10.12 18.25 13.86
CA VAL A 27 -9.30 17.05 13.71
C VAL A 27 -9.63 15.99 14.78
N MET A 28 -9.88 14.77 14.32
CA MET A 28 -10.13 13.65 15.22
C MET A 28 -9.03 12.60 15.10
N GLN A 29 -8.48 12.21 16.25
CA GLN A 29 -7.43 11.21 16.38
C GLN A 29 -7.94 10.00 17.18
N TRP A 30 -7.90 8.81 16.60
CA TRP A 30 -8.47 7.64 17.29
C TRP A 30 -7.82 6.31 16.95
N ASN A 31 -7.22 5.66 17.94
CA ASN A 31 -6.91 4.24 17.82
C ASN A 31 -8.23 3.53 18.11
N ILE A 32 -8.82 2.91 17.11
CA ILE A 32 -10.17 2.37 17.27
C ILE A 32 -10.22 0.93 17.76
N LEU A 33 -9.04 0.32 17.89
CA LEU A 33 -8.84 -1.06 18.36
C LEU A 33 -9.30 -2.06 17.32
N ALA A 34 -8.33 -2.74 16.69
CA ALA A 34 -8.63 -3.67 15.61
C ALA A 34 -9.61 -4.75 16.03
N GLN A 35 -10.49 -5.11 15.10
CA GLN A 35 -11.42 -6.19 15.34
C GLN A 35 -10.72 -7.49 15.77
N ALA A 36 -9.71 -7.92 15.02
CA ALA A 36 -9.03 -9.17 15.36
C ALA A 36 -8.33 -9.10 16.73
N LEU A 37 -7.94 -7.90 17.15
CA LEU A 37 -7.25 -7.73 18.42
C LEU A 37 -8.17 -7.48 19.61
N GLY A 38 -9.48 -7.60 19.40
CA GLY A 38 -10.46 -7.33 20.46
C GLY A 38 -10.94 -8.56 21.20
N VAL A 49 -17.31 -12.70 33.04
CA VAL A 49 -17.32 -11.50 32.19
C VAL A 49 -17.77 -11.79 30.77
N GLU A 50 -18.16 -10.73 30.04
CA GLU A 50 -18.59 -10.87 28.65
C GLU A 50 -17.76 -9.97 27.76
N ALA A 51 -18.00 -10.02 26.45
CA ALA A 51 -17.27 -9.20 25.48
C ALA A 51 -18.22 -8.55 24.46
N LEU A 52 -17.68 -7.68 23.61
CA LEU A 52 -18.51 -6.88 22.72
C LEU A 52 -18.35 -7.27 21.25
N LYS A 53 -19.47 -7.65 20.62
CA LYS A 53 -19.44 -8.19 19.27
C LYS A 53 -18.99 -7.14 18.25
N TRP A 54 -18.42 -7.60 17.14
CA TRP A 54 -17.91 -6.65 16.16
C TRP A 54 -19.03 -5.83 15.54
N GLU A 55 -20.15 -6.48 15.26
CA GLU A 55 -21.30 -5.83 14.64
C GLU A 55 -21.75 -4.63 15.44
N GLU A 56 -21.94 -4.85 16.73
CA GLU A 56 -22.34 -3.78 17.64
C GLU A 56 -21.24 -2.74 17.83
N ARG A 57 -20.00 -3.20 17.95
CA ARG A 57 -18.91 -2.29 18.29
C ARG A 57 -18.58 -1.37 17.12
N LYS A 58 -18.63 -1.90 15.91
CA LYS A 58 -18.37 -1.04 14.76
C LYS A 58 -19.42 0.09 14.68
N CYS A 59 -20.65 -0.18 15.12
CA CYS A 59 -21.68 0.86 15.10
C CYS A 59 -21.34 1.95 16.10
N LEU A 60 -20.90 1.58 17.30
CA LEU A 60 -20.49 2.57 18.29
C LEU A 60 -19.36 3.43 17.77
N ILE A 61 -18.44 2.84 16.98
CA ILE A 61 -17.34 3.60 16.43
C ILE A 61 -17.85 4.61 15.41
N LEU A 62 -18.74 4.15 14.55
CA LEU A 62 -19.35 5.02 13.56
C LEU A 62 -20.20 6.13 14.20
N GLU A 63 -20.92 5.80 15.27
CA GLU A 63 -21.77 6.79 15.93
C GLU A 63 -20.92 7.86 16.59
N GLU A 64 -19.73 7.47 17.03
CA GLU A 64 -18.82 8.41 17.65
C GLU A 64 -18.29 9.40 16.62
N ILE A 65 -17.92 8.91 15.44
CA ILE A 65 -17.39 9.76 14.40
C ILE A 65 -18.46 10.73 13.87
N LEU A 66 -19.71 10.27 13.76
CA LEU A 66 -20.80 11.08 13.21
C LEU A 66 -21.23 12.20 14.16
N ALA A 67 -21.15 11.92 15.45
CA ALA A 67 -21.48 12.90 16.48
C ALA A 67 -20.51 14.07 16.46
N TYR A 68 -19.23 13.79 16.23
CA TYR A 68 -18.20 14.81 16.29
C TYR A 68 -17.98 15.47 14.94
N GLN A 69 -18.46 14.82 13.88
CA GLN A 69 -18.39 15.35 12.51
C GLN A 69 -17.10 16.09 12.11
N PRO A 70 -15.95 15.44 12.29
CA PRO A 70 -14.68 16.13 12.02
C PRO A 70 -14.43 16.40 10.54
N ASP A 71 -13.58 17.38 10.26
CA ASP A 71 -13.13 17.65 8.90
C ASP A 71 -12.07 16.64 8.48
N ILE A 72 -11.27 16.23 9.46
CA ILE A 72 -10.13 15.35 9.25
C ILE A 72 -10.16 14.23 10.29
N LEU A 73 -10.15 13.00 9.80
CA LEU A 73 -10.19 11.84 10.68
C LEU A 73 -8.93 10.97 10.50
N CYS A 74 -8.17 10.79 11.59
CA CYS A 74 -6.90 10.04 11.61
C CYS A 74 -6.99 8.79 12.49
N LEU A 75 -6.93 7.60 11.88
CA LEU A 75 -7.13 6.36 12.63
C LEU A 75 -5.93 5.41 12.64
N GLN A 76 -5.81 4.65 13.74
CA GLN A 76 -4.91 3.51 13.81
C GLN A 76 -5.72 2.25 14.15
N GLU A 77 -5.10 1.09 13.87
CA GLU A 77 -5.66 -0.25 14.10
C GLU A 77 -6.93 -0.51 13.30
N VAL A 78 -6.95 0.00 12.08
CA VAL A 78 -8.12 -0.22 11.23
C VAL A 78 -7.96 -1.50 10.43
N ASP A 79 -8.62 -2.58 10.85
CA ASP A 79 -8.58 -3.79 10.04
C ASP A 79 -9.89 -4.01 9.28
N HIS A 80 -10.76 -2.99 9.23
CA HIS A 80 -12.00 -3.12 8.46
C HIS A 80 -12.22 -1.93 7.55
N TYR A 81 -11.12 -1.44 6.99
CA TYR A 81 -11.14 -0.28 6.13
C TYR A 81 -11.98 -0.48 4.86
N PHE A 82 -11.79 -1.62 4.18
CA PHE A 82 -12.38 -1.80 2.86
C PHE A 82 -13.82 -2.25 2.88
N ASP A 83 -14.21 -3.01 3.89
CA ASP A 83 -15.59 -3.45 3.99
C ASP A 83 -16.46 -2.45 4.79
N THR A 84 -15.86 -1.70 5.70
CA THR A 84 -16.67 -0.89 6.61
C THR A 84 -16.45 0.62 6.49
N PHE A 85 -15.27 1.07 6.86
CA PHE A 85 -15.04 2.50 7.06
C PHE A 85 -14.95 3.29 5.76
N GLN A 86 -14.27 2.78 4.74
CA GLN A 86 -14.19 3.54 3.49
C GLN A 86 -15.57 3.64 2.80
N PRO A 87 -16.32 2.53 2.68
CA PRO A 87 -17.60 2.75 1.98
C PRO A 87 -18.61 3.57 2.77
N LEU A 88 -18.63 3.44 4.09
CA LEU A 88 -19.60 4.19 4.87
C LEU A 88 -19.19 5.66 5.02
N LEU A 89 -17.91 5.95 5.09
CA LEU A 89 -17.51 7.35 5.23
C LEU A 89 -17.44 8.04 3.89
N SER A 90 -17.31 7.27 2.82
CA SER A 90 -17.30 7.86 1.49
C SER A 90 -18.67 8.44 1.22
N ARG A 91 -19.70 7.71 1.64
CA ARG A 91 -21.08 8.13 1.48
C ARG A 91 -21.38 9.42 2.24
N LEU A 92 -20.55 9.73 3.22
CA LEU A 92 -20.73 10.94 4.01
C LEU A 92 -19.82 12.06 3.54
N GLY A 93 -19.16 11.86 2.41
CA GLY A 93 -18.30 12.86 1.83
C GLY A 93 -16.83 12.82 2.24
N TYR A 94 -16.39 11.73 2.87
CA TYR A 94 -14.98 11.61 3.22
C TYR A 94 -14.20 10.90 2.14
N GLN A 95 -13.13 11.55 1.69
CA GLN A 95 -12.12 10.86 0.91
C GLN A 95 -11.12 10.21 1.87
N GLY A 96 -10.75 8.96 1.60
CA GLY A 96 -9.92 8.21 2.54
C GLY A 96 -8.68 7.52 1.96
N THR A 97 -7.66 7.38 2.80
CA THR A 97 -6.44 6.69 2.41
C THR A 97 -6.01 5.64 3.44
N PHE A 98 -5.64 4.46 2.99
CA PHE A 98 -5.27 3.38 3.90
C PHE A 98 -3.90 2.82 3.62
N PHE A 99 -3.13 2.56 4.67
CA PHE A 99 -1.78 1.99 4.52
C PHE A 99 -1.52 0.92 5.60
N PRO A 100 -1.45 -0.35 5.17
CA PRO A 100 -1.35 -1.45 6.13
C PRO A 100 0.06 -1.60 6.70
N LYS A 101 0.15 -2.06 7.94
CA LYS A 101 1.42 -2.59 8.45
C LYS A 101 1.88 -3.75 7.56
N PRO A 102 3.20 -3.85 7.30
CA PRO A 102 3.68 -4.91 6.42
C PRO A 102 3.54 -6.31 7.02
N TRP A 103 3.65 -6.43 8.34
CA TRP A 103 3.43 -7.70 9.04
C TRP A 103 2.46 -7.52 10.21
N SER A 104 1.19 -7.25 9.90
CA SER A 104 0.20 -6.94 10.94
C SER A 104 0.03 -8.07 11.94
N PRO A 105 0.00 -7.72 13.23
CA PRO A 105 -0.23 -8.76 14.25
C PRO A 105 -1.66 -9.31 14.16
N CYS A 106 -2.55 -8.62 13.44
CA CYS A 106 -3.90 -9.14 13.17
C CYS A 106 -3.89 -10.47 12.42
N LEU A 107 -2.85 -10.70 11.62
CA LEU A 107 -2.74 -11.92 10.82
C LEU A 107 -2.40 -13.15 11.66
N ASP A 108 -1.94 -12.93 12.89
CA ASP A 108 -1.63 -14.03 13.79
C ASP A 108 -2.88 -14.50 14.56
N VAL A 109 -4.05 -14.01 14.14
CA VAL A 109 -5.32 -14.31 14.82
C VAL A 109 -6.27 -15.08 13.89
N GLU A 110 -6.90 -16.14 14.41
CA GLU A 110 -7.83 -16.92 13.60
C GLU A 110 -9.04 -16.10 13.13
N HIS A 111 -9.46 -16.31 11.89
CA HIS A 111 -10.64 -15.66 11.33
C HIS A 111 -10.53 -14.12 11.29
N ASN A 112 -9.31 -13.60 11.28
CA ASN A 112 -9.06 -12.17 11.15
C ASN A 112 -9.63 -11.60 9.83
N ASN A 113 -9.62 -10.28 9.68
CA ASN A 113 -10.14 -9.64 8.47
C ASN A 113 -9.03 -9.05 7.63
N GLY A 114 -7.80 -9.52 7.83
CA GLY A 114 -6.66 -8.96 7.11
C GLY A 114 -5.88 -8.00 7.99
N PRO A 115 -4.93 -7.27 7.38
CA PRO A 115 -4.00 -6.44 8.15
C PRO A 115 -4.62 -5.16 8.67
N ASP A 116 -4.25 -4.74 9.87
CA ASP A 116 -4.64 -3.44 10.36
C ASP A 116 -3.63 -2.45 9.80
N GLY A 117 -3.92 -1.16 9.95
CA GLY A 117 -3.06 -0.12 9.42
C GLY A 117 -3.49 1.26 9.88
N CYS A 118 -2.86 2.28 9.32
CA CYS A 118 -3.31 3.65 9.53
C CYS A 118 -4.28 4.04 8.41
N ALA A 119 -5.15 4.98 8.72
CA ALA A 119 -6.09 5.50 7.73
C ALA A 119 -6.30 7.00 7.93
N LEU A 120 -6.38 7.73 6.82
CA LEU A 120 -6.59 9.17 6.84
C LEU A 120 -7.80 9.52 5.99
N PHE A 121 -8.81 10.14 6.62
CA PHE A 121 -9.99 10.63 5.92
C PHE A 121 -10.08 12.16 6.03
N PHE A 122 -10.55 12.81 4.96
CA PHE A 122 -10.87 14.24 5.00
C PHE A 122 -12.10 14.54 4.15
N LEU A 123 -12.87 15.56 4.57
CA LEU A 123 -14.03 16.02 3.81
C LEU A 123 -13.59 16.54 2.46
N GLN A 124 -14.05 15.90 1.39
CA GLN A 124 -13.78 16.37 0.05
C GLN A 124 -14.35 17.77 -0.26
N ASN A 125 -15.53 18.11 0.26
CA ASN A 125 -16.09 19.40 -0.16
C ASN A 125 -15.34 20.58 0.47
N ARG A 126 -14.42 20.29 1.38
CA ARG A 126 -13.70 21.37 2.04
C ARG A 126 -12.20 21.36 1.79
N PHE A 127 -11.67 20.21 1.41
CA PHE A 127 -10.23 20.12 1.15
C PHE A 127 -9.92 19.49 -0.19
N LYS A 128 -8.81 19.92 -0.77
CA LYS A 128 -8.27 19.33 -1.99
C LYS A 128 -6.92 18.68 -1.69
N LEU A 129 -6.74 17.44 -2.12
CA LEU A 129 -5.49 16.71 -1.89
C LEU A 129 -4.39 17.25 -2.79
N VAL A 130 -3.29 17.68 -2.20
CA VAL A 130 -2.18 18.22 -2.97
C VAL A 130 -1.14 17.14 -3.26
N ASN A 131 -0.66 16.48 -2.21
CA ASN A 131 0.25 15.36 -2.34
C ASN A 131 0.04 14.37 -1.19
N SER A 132 0.61 13.19 -1.33
CA SER A 132 0.43 12.13 -0.36
C SER A 132 1.61 11.20 -0.31
N ALA A 133 1.87 10.67 0.88
CA ALA A 133 3.05 9.88 1.13
C ALA A 133 2.71 8.76 2.11
N ASN A 134 2.88 7.52 1.67
CA ASN A 134 2.77 6.36 2.53
C ASN A 134 4.18 6.02 3.02
N ILE A 135 4.41 6.22 4.30
CA ILE A 135 5.75 6.06 4.86
C ILE A 135 5.86 4.78 5.68
N ARG A 136 6.88 3.99 5.39
CA ARG A 136 7.19 2.87 6.25
C ARG A 136 8.32 3.34 7.16
N LEU A 137 8.07 3.39 8.45
CA LEU A 137 9.07 3.97 9.34
C LEU A 137 10.31 3.08 9.48
N THR A 138 11.47 3.72 9.53
CA THR A 138 12.70 3.04 9.78
C THR A 138 13.25 3.41 11.16
N ALA A 139 14.12 2.56 11.70
CA ALA A 139 14.76 2.81 12.98
C ALA A 139 16.24 2.48 12.87
N MET A 140 17.07 3.53 12.77
CA MET A 140 18.50 3.36 12.58
C MET A 140 18.75 2.39 11.43
N THR A 141 18.24 2.75 10.26
CA THR A 141 18.32 2.01 8.98
C THR A 141 17.43 0.75 8.93
N LEU A 142 16.94 0.31 10.08
CA LEU A 142 16.17 -0.91 10.13
C LEU A 142 14.73 -0.67 9.64
N LYS A 143 14.21 -1.57 8.81
CA LYS A 143 12.81 -1.43 8.38
C LYS A 143 11.87 -1.97 9.45
N THR A 144 11.00 -1.12 10.00
CA THR A 144 10.11 -1.52 11.09
C THR A 144 8.74 -1.99 10.61
N ASN A 145 7.94 -2.52 11.53
CA ASN A 145 6.55 -2.84 11.22
C ASN A 145 5.58 -1.64 11.36
N GLN A 146 6.11 -0.43 11.57
CA GLN A 146 5.24 0.74 11.80
C GLN A 146 5.22 1.72 10.62
N VAL A 147 4.05 2.27 10.37
CA VAL A 147 3.87 3.15 9.21
C VAL A 147 3.26 4.49 9.59
N ALA A 148 3.19 5.36 8.58
CA ALA A 148 2.63 6.68 8.71
C ALA A 148 2.06 7.11 7.36
N ILE A 149 1.02 7.94 7.39
CA ILE A 149 0.53 8.58 6.18
C ILE A 149 0.64 10.11 6.35
N ALA A 150 1.25 10.79 5.38
CA ALA A 150 1.31 12.26 5.37
C ALA A 150 0.72 12.81 4.08
N GLN A 151 -0.27 13.69 4.22
CA GLN A 151 -0.92 14.30 3.08
C GLN A 151 -0.86 15.80 3.19
N THR A 152 -0.57 16.47 2.08
CA THR A 152 -0.76 17.91 2.04
C THR A 152 -2.16 18.21 1.51
N LEU A 153 -2.90 19.03 2.25
CA LEU A 153 -4.26 19.41 1.88
C LEU A 153 -4.35 20.88 1.58
N GLU A 154 -5.27 21.23 0.69
CA GLU A 154 -5.55 22.62 0.41
C GLU A 154 -7.00 22.96 0.77
N CYS A 155 -7.19 24.00 1.58
N CYS A 155 -7.16 24.01 1.57
CA CYS A 155 -8.54 24.47 1.90
CA CYS A 155 -8.49 24.56 1.86
C CYS A 155 -9.13 25.14 0.66
C CYS A 155 -9.10 25.11 0.59
N LYS A 156 -10.26 24.61 0.21
CA LYS A 156 -10.89 25.03 -1.04
C LYS A 156 -11.35 26.48 -1.05
N GLU A 157 -11.58 27.04 0.13
CA GLU A 157 -12.14 28.38 0.24
C GLU A 157 -11.06 29.47 0.40
N SER A 158 -9.92 29.12 0.97
CA SER A 158 -8.87 30.12 1.23
C SER A 158 -7.57 29.82 0.50
N GLY A 159 -7.45 28.60 -0.05
CA GLY A 159 -6.26 28.20 -0.76
C GLY A 159 -5.10 27.93 0.18
N ARG A 160 -5.39 27.94 1.47
CA ARG A 160 -4.37 27.76 2.49
C ARG A 160 -3.94 26.29 2.59
N GLN A 161 -2.63 26.06 2.63
CA GLN A 161 -2.13 24.69 2.62
C GLN A 161 -1.54 24.28 3.95
N PHE A 162 -1.78 23.02 4.31
CA PHE A 162 -1.26 22.47 5.53
C PHE A 162 -1.04 20.97 5.35
N CYS A 163 -0.20 20.40 6.21
CA CYS A 163 0.07 18.98 6.11
C CYS A 163 -0.49 18.23 7.32
N ILE A 164 -1.21 17.14 7.06
CA ILE A 164 -1.71 16.28 8.12
C ILE A 164 -1.05 14.88 8.06
N ALA A 165 -0.58 14.41 9.20
CA ALA A 165 0.07 13.11 9.27
C ALA A 165 -0.53 12.28 10.39
N VAL A 166 -0.56 10.97 10.17
CA VAL A 166 -1.09 10.02 11.14
C VAL A 166 -0.10 8.87 11.29
N THR A 167 0.15 8.46 12.53
CA THR A 167 1.07 7.38 12.75
C THR A 167 0.67 6.49 13.93
N HIS A 168 1.29 5.32 14.00
CA HIS A 168 1.09 4.40 15.11
C HIS A 168 2.45 3.80 15.41
N LEU A 169 3.05 4.24 16.51
CA LEU A 169 4.38 3.82 16.88
C LEU A 169 4.34 2.50 17.65
N LYS A 170 5.50 1.83 17.72
CA LYS A 170 5.64 0.52 18.38
C LYS A 170 5.23 0.50 19.86
N ALA A 171 4.37 -0.46 20.21
CA ALA A 171 3.86 -0.58 21.58
C ALA A 171 4.81 -1.25 22.57
N ARG A 172 4.59 -0.91 23.85
CA ARG A 172 5.00 -1.67 25.05
C ARG A 172 6.34 -1.24 25.63
N THR A 173 6.55 -1.56 26.90
CA THR A 173 7.81 -1.27 27.57
C THR A 173 8.91 -2.06 26.90
N GLY A 174 10.10 -1.48 26.80
CA GLY A 174 11.21 -2.18 26.19
C GLY A 174 11.50 -1.72 24.79
N TRP A 175 10.63 -0.88 24.24
CA TRP A 175 10.85 -0.39 22.87
C TRP A 175 11.08 1.12 22.86
N GLU A 176 11.50 1.66 24.00
CA GLU A 176 11.73 3.09 24.14
C GLU A 176 12.75 3.66 23.13
N ARG A 177 13.92 3.05 23.03
CA ARG A 177 14.92 3.54 22.08
C ARG A 177 14.45 3.39 20.62
N PHE A 178 13.78 2.28 20.35
CA PHE A 178 13.20 1.98 19.05
C PHE A 178 12.13 3.05 18.66
N ARG A 179 11.22 3.37 19.57
CA ARG A 179 10.20 4.40 19.33
C ARG A 179 10.86 5.74 19.03
N SER A 180 11.85 6.06 19.85
CA SER A 180 12.65 7.27 19.69
C SER A 180 13.25 7.38 18.28
N ALA A 181 13.84 6.29 17.80
CA ALA A 181 14.44 6.26 16.47
C ALA A 181 13.41 6.37 15.35
N GLN A 182 12.29 5.68 15.48
CA GLN A 182 11.33 5.69 14.37
C GLN A 182 10.58 7.01 14.39
N GLY A 183 10.45 7.59 15.57
CA GLY A 183 9.85 8.90 15.70
C GLY A 183 10.71 9.91 14.99
N CYS A 184 12.02 9.76 15.14
CA CYS A 184 12.99 10.65 14.52
C CYS A 184 12.91 10.59 13.00
N ASP A 185 12.82 9.38 12.46
CA ASP A 185 12.63 9.18 11.02
C ASP A 185 11.37 9.88 10.49
N LEU A 186 10.27 9.75 11.23
CA LEU A 186 9.03 10.44 10.87
C LEU A 186 9.24 11.96 10.84
N LEU A 187 9.89 12.50 11.88
CA LEU A 187 10.16 13.92 11.94
C LEU A 187 10.93 14.39 10.71
N GLN A 188 11.91 13.59 10.28
CA GLN A 188 12.73 13.96 9.13
C GLN A 188 11.89 13.91 7.86
N ASN A 189 11.07 12.88 7.73
CA ASN A 189 10.13 12.81 6.61
C ASN A 189 9.19 14.03 6.51
N LEU A 190 8.58 14.42 7.64
CA LEU A 190 7.67 15.56 7.66
C LEU A 190 8.41 16.86 7.33
N GLN A 191 9.62 16.98 7.83
CA GLN A 191 10.46 18.13 7.55
C GLN A 191 10.74 18.26 6.06
N ASN A 192 10.81 17.13 5.36
CA ASN A 192 11.05 17.16 3.91
C ASN A 192 9.81 17.61 3.18
N ILE A 193 8.68 17.06 3.58
CA ILE A 193 7.39 17.31 2.94
C ILE A 193 6.95 18.76 3.12
N THR A 194 7.11 19.27 4.33
CA THR A 194 6.64 20.61 4.68
C THR A 194 7.70 21.65 4.37
N GLN A 195 8.77 21.22 3.69
CA GLN A 195 9.85 22.10 3.24
C GLN A 195 10.35 23.04 4.33
N GLY A 196 10.64 22.46 5.49
CA GLY A 196 11.01 23.25 6.66
C GLY A 196 9.76 23.64 7.40
N ALA A 197 9.29 24.87 7.16
CA ALA A 197 8.08 25.35 7.81
C ALA A 197 7.20 26.14 6.83
N LYS A 198 7.50 26.05 5.54
CA LYS A 198 6.68 26.69 4.52
C LYS A 198 5.22 26.25 4.62
N ILE A 199 5.02 25.00 5.07
CA ILE A 199 3.70 24.40 5.20
C ILE A 199 3.43 23.97 6.64
N PRO A 200 2.43 24.59 7.29
CA PRO A 200 1.99 24.23 8.64
C PRO A 200 1.61 22.76 8.76
N LEU A 201 1.76 22.23 9.98
CA LEU A 201 1.75 20.79 10.18
C LEU A 201 0.89 20.35 11.37
N ILE A 202 0.15 19.26 11.18
CA ILE A 202 -0.60 18.60 12.24
C ILE A 202 -0.27 17.09 12.23
N VAL A 203 0.11 16.56 13.39
CA VAL A 203 0.43 15.13 13.51
C VAL A 203 -0.48 14.43 14.54
N CYS A 204 -1.21 13.43 14.07
CA CYS A 204 -2.07 12.61 14.91
C CYS A 204 -1.41 11.25 15.19
N GLY A 205 -1.43 10.81 16.43
CA GLY A 205 -0.97 9.45 16.66
C GLY A 205 -1.16 8.81 18.02
N ASP A 206 -1.18 7.48 17.96
CA ASP A 206 -0.89 6.63 19.10
C ASP A 206 0.64 6.47 19.12
N PHE A 207 1.30 7.32 19.90
CA PHE A 207 2.76 7.31 19.95
C PHE A 207 3.30 6.21 20.87
N ASN A 208 2.42 5.68 21.73
CA ASN A 208 2.74 4.58 22.64
C ASN A 208 3.85 4.93 23.61
N ALA A 209 3.96 6.22 23.91
CA ALA A 209 4.89 6.73 24.90
C ALA A 209 4.26 7.82 25.80
N GLU A 210 4.50 7.70 27.10
CA GLU A 210 4.21 8.76 28.05
C GLU A 210 5.09 9.99 27.78
N PRO A 211 4.72 11.18 28.31
CA PRO A 211 5.51 12.40 28.10
C PRO A 211 6.96 12.30 28.61
N THR A 212 7.23 11.34 29.48
CA THR A 212 8.59 11.18 29.97
C THR A 212 9.55 10.52 28.97
N GLU A 213 9.04 9.84 27.94
CA GLU A 213 9.93 9.15 26.97
C GLU A 213 10.64 10.14 26.04
N GLU A 214 11.75 9.68 25.43
CA GLU A 214 12.52 10.54 24.54
C GLU A 214 11.78 10.94 23.26
N VAL A 215 10.98 10.02 22.71
CA VAL A 215 10.32 10.30 21.45
C VAL A 215 9.35 11.46 21.64
N TYR A 216 8.76 11.56 22.81
CA TYR A 216 7.96 12.73 23.15
C TYR A 216 8.83 13.96 23.17
N LYS A 217 9.94 13.90 23.87
CA LYS A 217 10.81 15.06 24.00
C LYS A 217 11.36 15.51 22.66
N HIS A 218 11.56 14.57 21.74
CA HIS A 218 12.04 14.92 20.40
C HIS A 218 11.00 15.76 19.67
N PHE A 219 9.74 15.31 19.72
CA PHE A 219 8.65 16.05 19.10
C PHE A 219 8.46 17.43 19.72
N ALA A 220 8.56 17.50 21.05
CA ALA A 220 8.41 18.76 21.76
C ALA A 220 9.58 19.72 21.51
N SER A 221 10.72 19.22 21.06
CA SER A 221 11.90 20.06 20.89
CA SER A 221 11.90 20.06 20.89
C SER A 221 12.36 20.16 19.44
N SER A 222 11.64 19.50 18.54
CA SER A 222 11.92 19.56 17.11
C SER A 222 11.91 20.97 16.57
N SER A 223 12.66 21.22 15.49
CA SER A 223 12.70 22.53 14.86
C SER A 223 11.45 22.74 14.02
N LEU A 224 10.56 21.76 13.98
CA LEU A 224 9.25 21.96 13.37
C LEU A 224 8.37 22.81 14.28
N ASN A 225 8.86 23.07 15.50
CA ASN A 225 8.17 23.91 16.49
C ASN A 225 6.75 23.44 16.71
N LEU A 226 6.62 22.19 17.13
CA LEU A 226 5.34 21.59 17.40
C LEU A 226 4.94 21.73 18.85
N ASN A 227 3.64 21.70 19.08
CA ASN A 227 3.12 21.66 20.42
C ASN A 227 2.02 20.62 20.50
N SER A 228 1.77 20.12 21.71
CA SER A 228 0.76 19.09 21.90
C SER A 228 -0.55 19.70 22.40
N ALA A 229 -1.62 19.46 21.64
CA ALA A 229 -2.89 20.14 21.84
C ALA A 229 -3.51 19.93 23.21
N TYR A 230 -3.52 18.69 23.70
CA TYR A 230 -4.33 18.37 24.86
C TYR A 230 -3.75 18.91 26.17
N LYS A 231 -2.51 19.38 26.13
CA LYS A 231 -1.92 20.08 27.27
C LYS A 231 -2.80 21.29 27.64
N LEU A 232 -3.44 21.87 26.64
CA LEU A 232 -4.28 23.05 26.86
C LEU A 232 -5.52 22.77 27.70
N LEU A 233 -5.80 21.49 28.00
CA LEU A 233 -6.92 21.17 28.87
C LEU A 233 -6.53 21.20 30.35
N SER A 234 -5.23 21.23 30.63
CA SER A 234 -4.76 21.23 32.02
C SER A 234 -4.78 22.63 32.63
N ALA A 235 -4.81 22.70 33.96
CA ALA A 235 -4.99 23.93 34.73
C ALA A 235 -4.10 25.08 34.26
N ASP A 236 -2.82 24.80 34.08
CA ASP A 236 -1.86 25.82 33.63
C ASP A 236 -1.48 25.61 32.17
N GLY A 237 -2.16 24.68 31.51
CA GLY A 237 -1.88 24.36 30.12
C GLY A 237 -0.50 23.80 29.88
N GLN A 238 0.19 23.42 30.95
CA GLN A 238 1.59 23.04 30.86
C GLN A 238 1.84 21.54 30.99
N SER A 239 0.77 20.75 31.12
CA SER A 239 0.96 19.33 31.26
C SER A 239 -0.09 18.51 30.52
N GLU A 240 0.35 17.35 30.01
CA GLU A 240 -0.51 16.38 29.32
C GLU A 240 -1.58 15.80 30.24
N PRO A 241 -2.66 15.27 29.65
CA PRO A 241 -3.74 14.70 30.47
C PRO A 241 -3.32 13.38 31.14
N PRO A 242 -3.97 13.03 32.26
CA PRO A 242 -3.58 11.86 33.06
C PRO A 242 -3.71 10.51 32.35
N TYR A 243 -4.47 10.45 31.26
CA TYR A 243 -4.60 9.23 30.52
C TYR A 243 -5.32 9.40 29.19
N THR A 244 -4.95 8.64 28.18
CA THR A 244 -5.70 8.68 26.92
C THR A 244 -6.26 7.29 26.62
N THR A 245 -6.06 6.35 27.54
CA THR A 245 -6.65 5.03 27.39
C THR A 245 -7.90 4.84 28.25
N TRP A 246 -8.56 3.71 28.06
CA TRP A 246 -9.77 3.40 28.79
C TRP A 246 -9.64 2.03 29.47
N ARG A 255 -3.67 2.87 32.99
CA ARG A 255 -3.53 4.27 33.33
C ARG A 255 -2.36 4.91 32.58
N HIS A 256 -2.50 5.03 31.27
CA HIS A 256 -1.41 5.52 30.43
C HIS A 256 -1.86 6.63 29.47
N THR A 257 -1.00 7.62 29.26
CA THR A 257 -1.17 8.63 28.23
C THR A 257 -0.30 8.32 27.00
N LEU A 258 -0.94 7.92 25.90
CA LEU A 258 -0.21 7.42 24.74
C LEU A 258 -0.57 8.12 23.43
N ASP A 259 -1.66 8.89 23.45
CA ASP A 259 -2.14 9.54 22.24
C ASP A 259 -1.95 11.05 22.29
N TYR A 260 -1.57 11.64 21.16
CA TYR A 260 -1.33 13.08 21.08
C TYR A 260 -1.83 13.66 19.78
N ILE A 261 -2.07 14.97 19.79
CA ILE A 261 -2.23 15.73 18.56
C ILE A 261 -1.24 16.89 18.55
N TRP A 262 -0.34 16.88 17.57
CA TRP A 262 0.70 17.88 17.48
C TRP A 262 0.36 18.90 16.38
N TYR A 263 0.79 20.15 16.57
CA TYR A 263 0.51 21.20 15.60
C TYR A 263 1.61 22.28 15.60
N SER A 264 1.87 22.85 14.42
CA SER A 264 2.75 24.01 14.32
C SER A 264 2.23 25.16 15.20
N LYS A 265 2.97 25.48 16.25
CA LYS A 265 2.53 26.44 17.26
C LYS A 265 2.53 27.88 16.75
N HIS A 266 3.23 28.14 15.66
CA HIS A 266 3.34 29.50 15.14
C HIS A 266 2.38 29.80 13.98
N ALA A 267 1.66 28.79 13.52
CA ALA A 267 0.78 28.95 12.36
C ALA A 267 -0.66 28.53 12.65
N LEU A 268 -0.85 27.82 13.75
CA LEU A 268 -2.16 27.29 14.10
C LEU A 268 -2.43 27.52 15.57
N ASN A 269 -3.69 27.67 15.92
CA ASN A 269 -4.04 27.78 17.33
C ASN A 269 -5.23 26.89 17.63
N VAL A 270 -5.32 26.45 18.88
CA VAL A 270 -6.34 25.51 19.29
C VAL A 270 -7.50 26.28 19.89
N ARG A 271 -8.64 26.20 19.22
CA ARG A 271 -9.83 26.93 19.66
C ARG A 271 -10.61 26.08 20.65
N SER A 272 -10.42 24.77 20.59
CA SER A 272 -11.23 23.87 21.39
C SER A 272 -10.72 22.44 21.41
N ALA A 273 -11.00 21.73 22.50
CA ALA A 273 -10.61 20.33 22.62
C ALA A 273 -11.67 19.55 23.38
N LEU A 274 -11.83 18.28 23.03
CA LEU A 274 -12.81 17.43 23.69
C LEU A 274 -12.26 16.84 24.99
N ASP A 275 -12.90 17.16 26.11
CA ASP A 275 -12.42 16.76 27.42
C ASP A 275 -12.57 15.26 27.65
N LEU A 276 -11.85 14.73 28.62
CA LEU A 276 -11.82 13.31 28.94
C LEU A 276 -13.04 12.82 29.69
N LEU A 277 -13.21 11.50 29.74
CA LEU A 277 -14.31 10.84 30.42
C LEU A 277 -14.02 10.50 31.85
N THR A 278 -15.05 10.08 32.59
CA THR A 278 -14.91 9.66 33.99
C THR A 278 -15.88 8.53 34.32
N PRO A 288 -24.08 -1.90 28.09
CA PRO A 288 -23.74 -2.61 26.86
C PRO A 288 -23.62 -1.64 25.67
N SER A 289 -24.74 -1.04 25.28
CA SER A 289 -24.74 0.04 24.28
C SER A 289 -24.08 1.30 24.85
N PHE A 290 -23.77 1.26 26.13
CA PHE A 290 -23.08 2.35 26.81
C PHE A 290 -21.59 2.02 26.96
N ASN A 291 -21.16 0.88 26.39
CA ASN A 291 -19.74 0.56 26.38
C ASN A 291 -18.96 1.50 25.48
N TYR A 292 -17.79 1.95 25.94
CA TYR A 292 -16.90 2.68 25.04
C TYR A 292 -16.27 1.64 24.10
N PRO A 293 -16.28 1.94 22.79
CA PRO A 293 -15.94 0.90 21.80
C PRO A 293 -14.45 0.73 21.52
N SER A 294 -13.58 1.30 22.33
CA SER A 294 -12.14 1.17 22.13
C SER A 294 -11.41 1.30 23.45
N ASP A 295 -10.16 0.86 23.50
CA ASP A 295 -9.38 1.01 24.72
C ASP A 295 -8.54 2.29 24.69
N HIS A 296 -8.66 3.05 23.61
CA HIS A 296 -8.13 4.42 23.58
C HIS A 296 -9.29 5.41 23.44
N LEU A 297 -9.19 6.52 24.17
CA LEU A 297 -10.10 7.63 23.97
C LEU A 297 -9.83 8.37 22.67
N SER A 298 -10.90 8.75 21.96
CA SER A 298 -10.76 9.64 20.81
C SER A 298 -10.26 11.01 21.26
N LEU A 299 -9.40 11.62 20.46
CA LEU A 299 -8.96 12.99 20.70
C LEU A 299 -9.59 13.87 19.62
N VAL A 300 -10.15 15.00 20.03
CA VAL A 300 -10.75 15.93 19.07
C VAL A 300 -10.40 17.38 19.35
N CYS A 301 -9.93 18.07 18.31
CA CYS A 301 -9.54 19.46 18.43
C CYS A 301 -10.07 20.29 17.28
N ASP A 302 -10.33 21.55 17.56
CA ASP A 302 -10.70 22.51 16.54
C ASP A 302 -9.55 23.48 16.35
N PHE A 303 -9.07 23.58 15.11
CA PHE A 303 -7.94 24.44 14.78
C PHE A 303 -8.33 25.60 13.88
N SER A 304 -7.59 26.69 13.95
CA SER A 304 -7.65 27.69 12.90
C SER A 304 -6.28 28.30 12.67
N PHE A 305 -6.08 28.90 11.52
CA PHE A 305 -4.80 29.50 11.19
C PHE A 305 -4.58 30.82 11.93
N THR A 306 -3.36 31.03 12.41
CA THR A 306 -3.01 32.21 13.19
C THR A 306 -3.18 33.48 12.36
N SER B 1 -3.01 -32.94 -21.71
CA SER B 1 -3.25 -34.05 -22.62
C SER B 1 -3.28 -35.42 -21.91
N THR B 2 -2.13 -35.99 -21.57
CA THR B 2 -2.16 -37.25 -20.81
C THR B 2 -1.84 -37.03 -19.33
N ARG B 3 -1.29 -35.87 -18.99
CA ARG B 3 -0.89 -35.61 -17.62
C ARG B 3 -1.07 -34.12 -17.24
N PRO B 4 -1.07 -33.80 -15.92
CA PRO B 4 -1.30 -32.41 -15.46
C PRO B 4 -0.31 -31.40 -16.04
N PRO B 5 -0.73 -30.12 -16.16
CA PRO B 5 0.07 -29.03 -16.75
C PRO B 5 1.49 -28.92 -16.20
N ARG B 6 1.63 -29.08 -14.89
CA ARG B 6 2.91 -28.91 -14.19
C ARG B 6 3.95 -29.96 -14.65
N PHE B 7 3.47 -31.08 -15.17
CA PHE B 7 4.36 -32.17 -15.58
C PHE B 7 4.59 -32.12 -17.07
N GLN B 8 3.74 -31.36 -17.75
CA GLN B 8 3.71 -31.36 -19.21
C GLN B 8 4.56 -30.23 -19.78
N ARG B 9 4.37 -29.02 -19.28
CA ARG B 9 5.13 -27.88 -19.74
C ARG B 9 6.63 -28.05 -19.47
N ASP B 10 7.45 -27.78 -20.48
CA ASP B 10 8.88 -27.92 -20.33
C ASP B 10 9.58 -26.71 -20.94
N PHE B 11 10.79 -26.42 -20.48
CA PHE B 11 11.56 -25.32 -21.01
C PHE B 11 12.09 -25.58 -22.40
N VAL B 12 11.87 -24.63 -23.30
CA VAL B 12 12.46 -24.66 -24.61
C VAL B 12 13.84 -24.04 -24.54
N ASP B 13 14.84 -24.76 -25.04
CA ASP B 13 16.20 -24.26 -25.09
C ASP B 13 16.34 -23.25 -26.22
N LEU B 14 16.86 -22.06 -25.91
CA LEU B 14 17.04 -21.01 -26.91
C LEU B 14 18.51 -20.62 -27.07
N ARG B 15 19.38 -21.27 -26.28
CA ARG B 15 20.80 -20.94 -26.26
C ARG B 15 21.57 -21.75 -27.29
N HIS B 22 28.11 -17.08 -15.84
CA HIS B 22 27.20 -16.61 -14.79
C HIS B 22 25.82 -17.27 -14.87
N PRO B 23 25.28 -17.72 -13.73
CA PRO B 23 23.95 -18.34 -13.67
C PRO B 23 22.85 -17.35 -14.06
N PRO B 24 21.89 -17.80 -14.88
CA PRO B 24 20.82 -16.95 -15.43
C PRO B 24 19.82 -16.46 -14.38
N ILE B 25 19.17 -15.35 -14.69
CA ILE B 25 18.12 -14.79 -13.84
C ILE B 25 16.78 -15.23 -14.38
N ARG B 26 16.06 -16.05 -13.60
CA ARG B 26 14.76 -16.54 -14.00
C ARG B 26 13.64 -15.57 -13.60
N VAL B 27 12.85 -15.17 -14.59
CA VAL B 27 11.71 -14.30 -14.34
C VAL B 27 10.41 -14.99 -14.67
N MET B 28 9.50 -14.95 -13.70
CA MET B 28 8.15 -15.46 -13.84
C MET B 28 7.13 -14.30 -13.86
N GLN B 29 6.27 -14.29 -14.87
CA GLN B 29 5.19 -13.31 -15.01
C GLN B 29 3.85 -14.05 -14.94
N TRP B 30 2.95 -13.65 -14.04
CA TRP B 30 1.68 -14.36 -13.90
C TRP B 30 0.50 -13.52 -13.36
N ASN B 31 -0.60 -13.48 -14.12
CA ASN B 31 -1.90 -13.03 -13.62
C ASN B 31 -2.56 -14.25 -13.00
N ILE B 32 -2.70 -14.23 -11.67
CA ILE B 32 -3.07 -15.43 -10.91
C ILE B 32 -4.57 -15.58 -10.65
N LEU B 33 -5.36 -14.67 -11.19
CA LEU B 33 -6.84 -14.65 -11.06
C LEU B 33 -7.28 -14.45 -9.60
N ALA B 34 -7.72 -13.23 -9.29
CA ALA B 34 -8.06 -12.87 -7.93
C ALA B 34 -9.11 -13.81 -7.34
N GLN B 35 -8.92 -14.19 -6.08
CA GLN B 35 -9.91 -15.02 -5.39
C GLN B 35 -11.32 -14.49 -5.53
N ALA B 36 -11.52 -13.21 -5.26
CA ALA B 36 -12.87 -12.62 -5.28
C ALA B 36 -13.44 -12.52 -6.70
N LEU B 37 -12.56 -12.46 -7.70
CA LEU B 37 -12.97 -12.39 -9.10
C LEU B 37 -13.18 -13.76 -9.74
N GLY B 38 -12.57 -14.79 -9.18
CA GLY B 38 -12.76 -16.15 -9.64
C GLY B 38 -14.07 -16.72 -9.11
N GLU B 39 -14.61 -16.04 -8.10
CA GLU B 39 -15.85 -16.44 -7.46
C GLU B 39 -17.05 -15.81 -8.17
N LEU B 52 -13.45 -25.69 -9.10
CA LEU B 52 -12.19 -25.47 -8.38
C LEU B 52 -12.29 -24.23 -7.48
N LYS B 53 -12.39 -24.46 -6.17
CA LYS B 53 -12.52 -23.37 -5.20
C LYS B 53 -11.15 -22.83 -4.79
N TRP B 54 -11.15 -21.79 -3.95
CA TRP B 54 -9.96 -21.01 -3.70
C TRP B 54 -8.81 -21.74 -2.97
N GLU B 55 -9.13 -22.43 -1.89
CA GLU B 55 -8.13 -23.08 -1.06
C GLU B 55 -7.30 -24.10 -1.84
N GLU B 56 -7.93 -24.77 -2.80
CA GLU B 56 -7.20 -25.68 -3.66
C GLU B 56 -6.44 -24.89 -4.72
N ARG B 57 -7.06 -23.82 -5.21
CA ARG B 57 -6.45 -23.04 -6.27
C ARG B 57 -5.16 -22.39 -5.77
N LYS B 58 -5.22 -21.86 -4.55
CA LYS B 58 -4.05 -21.29 -3.90
C LYS B 58 -2.87 -22.28 -3.88
N CYS B 59 -3.15 -23.51 -3.48
CA CYS B 59 -2.11 -24.52 -3.42
CA CYS B 59 -2.13 -24.55 -3.42
C CYS B 59 -1.49 -24.78 -4.79
N LEU B 60 -2.33 -24.91 -5.82
CA LEU B 60 -1.82 -25.09 -7.18
C LEU B 60 -0.95 -23.92 -7.63
N ILE B 61 -1.28 -22.73 -7.17
CA ILE B 61 -0.49 -21.56 -7.52
C ILE B 61 0.91 -21.61 -6.85
N LEU B 62 0.94 -21.98 -5.58
CA LEU B 62 2.20 -22.11 -4.87
C LEU B 62 3.04 -23.23 -5.45
N GLU B 63 2.38 -24.30 -5.90
CA GLU B 63 3.11 -25.42 -6.48
C GLU B 63 3.79 -25.01 -7.79
N GLU B 64 3.15 -24.13 -8.57
CA GLU B 64 3.80 -23.67 -9.78
C GLU B 64 5.04 -22.86 -9.46
N ILE B 65 4.95 -22.01 -8.43
CA ILE B 65 6.08 -21.22 -7.99
C ILE B 65 7.22 -22.11 -7.48
N LEU B 66 6.87 -23.12 -6.70
CA LEU B 66 7.85 -24.04 -6.17
C LEU B 66 8.58 -24.84 -7.27
N ALA B 67 7.85 -25.25 -8.30
CA ALA B 67 8.42 -26.01 -9.41
C ALA B 67 9.45 -25.23 -10.23
N TYR B 68 9.21 -23.93 -10.41
CA TYR B 68 10.01 -23.13 -11.33
C TYR B 68 11.10 -22.33 -10.63
N GLN B 69 10.98 -22.16 -9.31
CA GLN B 69 11.98 -21.47 -8.51
C GLN B 69 12.53 -20.19 -9.13
N PRO B 70 11.66 -19.22 -9.44
CA PRO B 70 12.18 -18.06 -10.17
C PRO B 70 12.98 -17.13 -9.28
N ASP B 71 13.92 -16.39 -9.85
CA ASP B 71 14.63 -15.36 -9.10
C ASP B 71 13.74 -14.16 -8.83
N ILE B 72 12.82 -13.94 -9.78
CA ILE B 72 11.95 -12.78 -9.78
C ILE B 72 10.54 -13.21 -10.18
N LEU B 73 9.58 -12.79 -9.39
CA LEU B 73 8.20 -13.17 -9.59
C LEU B 73 7.31 -11.91 -9.72
N CYS B 74 6.62 -11.82 -10.85
CA CYS B 74 5.77 -10.67 -11.15
C CYS B 74 4.32 -11.11 -11.29
N LEU B 75 3.47 -10.56 -10.42
CA LEU B 75 2.10 -11.03 -10.31
C LEU B 75 1.07 -9.92 -10.54
N GLN B 76 -0.06 -10.27 -11.15
CA GLN B 76 -1.22 -9.39 -11.18
C GLN B 76 -2.39 -10.10 -10.52
N GLU B 77 -3.38 -9.29 -10.13
CA GLU B 77 -4.64 -9.74 -9.51
C GLU B 77 -4.43 -10.40 -8.16
N VAL B 78 -3.46 -9.89 -7.40
CA VAL B 78 -3.13 -10.48 -6.12
C VAL B 78 -3.97 -9.84 -5.03
N ASP B 79 -5.00 -10.55 -4.55
CA ASP B 79 -5.81 -10.04 -3.44
C ASP B 79 -5.61 -10.85 -2.15
N HIS B 80 -4.62 -11.74 -2.13
CA HIS B 80 -4.27 -12.45 -0.89
C HIS B 80 -2.79 -12.32 -0.55
N TYR B 81 -2.22 -11.17 -0.87
CA TYR B 81 -0.84 -10.86 -0.58
C TYR B 81 -0.46 -11.02 0.90
N PHE B 82 -1.27 -10.50 1.81
CA PHE B 82 -0.89 -10.43 3.20
C PHE B 82 -1.17 -11.71 3.97
N ASP B 83 -2.15 -12.47 3.53
CA ASP B 83 -2.51 -13.67 4.29
C ASP B 83 -1.86 -14.94 3.72
N THR B 84 -1.48 -14.92 2.45
CA THR B 84 -0.89 -16.08 1.79
C THR B 84 0.49 -15.79 1.21
N PHE B 85 0.55 -14.98 0.16
CA PHE B 85 1.76 -14.91 -0.64
C PHE B 85 2.95 -14.26 0.05
N GLN B 86 2.77 -13.15 0.75
CA GLN B 86 3.94 -12.52 1.38
C GLN B 86 4.58 -13.45 2.43
N PRO B 87 3.79 -13.96 3.40
CA PRO B 87 4.46 -14.80 4.41
C PRO B 87 5.08 -16.10 3.84
N LEU B 88 4.38 -16.77 2.93
CA LEU B 88 4.87 -18.06 2.44
C LEU B 88 6.10 -17.87 1.56
N LEU B 89 6.08 -16.87 0.68
CA LEU B 89 7.24 -16.63 -0.16
C LEU B 89 8.41 -16.05 0.62
N SER B 90 8.10 -15.38 1.73
CA SER B 90 9.15 -14.92 2.64
C SER B 90 9.89 -16.13 3.23
N ARG B 91 9.15 -17.16 3.60
CA ARG B 91 9.73 -18.38 4.12
C ARG B 91 10.66 -19.03 3.09
N LEU B 92 10.43 -18.74 1.82
CA LEU B 92 11.25 -19.30 0.74
C LEU B 92 12.36 -18.35 0.32
N GLY B 93 12.62 -17.30 1.09
CA GLY B 93 13.68 -16.37 0.76
C GLY B 93 13.36 -15.22 -0.20
N TYR B 94 12.08 -15.00 -0.49
CA TYR B 94 11.68 -13.86 -1.32
C TYR B 94 11.37 -12.61 -0.49
N GLN B 95 11.84 -11.47 -0.96
CA GLN B 95 11.31 -10.19 -0.48
C GLN B 95 10.18 -9.75 -1.42
N GLY B 96 9.09 -9.27 -0.83
CA GLY B 96 7.91 -8.86 -1.59
C GLY B 96 7.53 -7.39 -1.46
N THR B 97 6.87 -6.86 -2.48
CA THR B 97 6.27 -5.54 -2.44
C THR B 97 4.89 -5.60 -3.08
N PHE B 98 3.91 -4.98 -2.44
CA PHE B 98 2.56 -4.99 -2.96
C PHE B 98 2.04 -3.56 -3.20
N PHE B 99 1.31 -3.36 -4.29
CA PHE B 99 0.71 -2.08 -4.60
C PHE B 99 -0.72 -2.29 -5.16
N PRO B 100 -1.75 -2.03 -4.34
CA PRO B 100 -3.15 -2.27 -4.73
C PRO B 100 -3.65 -1.27 -5.76
N LYS B 101 -4.63 -1.67 -6.57
CA LYS B 101 -5.37 -0.73 -7.42
C LYS B 101 -6.14 0.28 -6.55
N PRO B 102 -6.23 1.53 -7.01
CA PRO B 102 -7.01 2.54 -6.28
C PRO B 102 -8.50 2.17 -6.12
N TRP B 103 -9.13 1.65 -7.17
CA TRP B 103 -10.51 1.17 -7.05
C TRP B 103 -10.57 -0.27 -7.52
N SER B 104 -10.09 -1.18 -6.69
CA SER B 104 -10.04 -2.56 -7.12
C SER B 104 -11.42 -3.11 -7.37
N PRO B 105 -11.60 -3.78 -8.52
CA PRO B 105 -12.89 -4.41 -8.85
C PRO B 105 -13.28 -5.52 -7.87
N CYS B 106 -12.32 -6.07 -7.11
CA CYS B 106 -12.65 -7.00 -6.02
C CYS B 106 -13.57 -6.37 -4.96
N LEU B 107 -13.48 -5.05 -4.78
CA LEU B 107 -14.26 -4.37 -3.75
C LEU B 107 -15.74 -4.33 -4.10
N ASP B 108 -16.09 -4.66 -5.33
CA ASP B 108 -17.51 -4.70 -5.71
C ASP B 108 -18.07 -6.10 -5.55
N VAL B 109 -17.25 -7.01 -5.02
CA VAL B 109 -17.71 -8.38 -4.75
C VAL B 109 -18.00 -8.55 -3.26
N GLU B 110 -19.18 -9.07 -2.94
CA GLU B 110 -19.53 -9.38 -1.56
C GLU B 110 -18.54 -10.36 -0.96
N HIS B 111 -18.14 -10.10 0.28
CA HIS B 111 -17.20 -10.95 1.03
C HIS B 111 -15.87 -11.15 0.32
N ASN B 112 -15.36 -10.09 -0.28
CA ASN B 112 -14.02 -10.09 -0.86
C ASN B 112 -12.95 -10.09 0.24
N ASN B 113 -11.68 -10.09 -0.17
CA ASN B 113 -10.57 -10.11 0.77
C ASN B 113 -9.73 -8.83 0.74
N GLY B 114 -10.34 -7.74 0.31
CA GLY B 114 -9.59 -6.51 0.06
C GLY B 114 -9.18 -6.39 -1.40
N PRO B 115 -8.50 -5.29 -1.74
CA PRO B 115 -8.13 -4.96 -3.13
C PRO B 115 -7.10 -5.89 -3.76
N ASP B 116 -7.28 -6.22 -5.04
CA ASP B 116 -6.21 -6.90 -5.78
C ASP B 116 -5.20 -5.83 -6.21
N GLY B 117 -4.03 -6.27 -6.66
CA GLY B 117 -3.00 -5.37 -7.11
C GLY B 117 -1.80 -6.09 -7.69
N CYS B 118 -0.78 -5.32 -8.04
CA CYS B 118 0.46 -5.86 -8.53
C CYS B 118 1.35 -6.30 -7.36
N ALA B 119 2.12 -7.37 -7.56
CA ALA B 119 3.11 -7.78 -6.58
C ALA B 119 4.45 -8.12 -7.24
N LEU B 120 5.54 -7.77 -6.56
CA LEU B 120 6.87 -8.01 -7.08
C LEU B 120 7.70 -8.71 -6.02
N PHE B 121 8.16 -9.92 -6.33
CA PHE B 121 9.01 -10.72 -5.45
C PHE B 121 10.39 -10.96 -6.10
N PHE B 122 11.45 -10.90 -5.30
CA PHE B 122 12.77 -11.29 -5.74
C PHE B 122 13.52 -12.04 -4.63
N LEU B 123 14.43 -12.93 -5.04
CA LEU B 123 15.21 -13.72 -4.08
C LEU B 123 16.18 -12.85 -3.33
N GLN B 124 16.08 -12.85 -2.00
CA GLN B 124 16.92 -11.98 -1.18
C GLN B 124 18.40 -12.39 -1.18
N ASN B 125 18.69 -13.67 -1.32
CA ASN B 125 20.09 -14.10 -1.27
C ASN B 125 20.81 -13.78 -2.58
N ARG B 126 20.07 -13.39 -3.60
CA ARG B 126 20.71 -13.04 -4.87
C ARG B 126 20.70 -11.54 -5.19
N PHE B 127 19.72 -10.80 -4.68
CA PHE B 127 19.63 -9.37 -5.01
C PHE B 127 19.57 -8.41 -3.83
N LYS B 128 20.12 -7.23 -4.04
CA LYS B 128 19.95 -6.11 -3.12
C LYS B 128 19.03 -5.11 -3.82
N LEU B 129 18.11 -4.53 -3.07
CA LEU B 129 17.23 -3.48 -3.60
C LEU B 129 17.96 -2.14 -3.66
N VAL B 130 18.09 -1.58 -4.86
CA VAL B 130 18.74 -0.29 -5.02
C VAL B 130 17.75 0.88 -4.87
N ASN B 131 16.64 0.83 -5.61
CA ASN B 131 15.53 1.79 -5.45
C ASN B 131 14.21 1.16 -5.88
N SER B 132 13.09 1.78 -5.49
CA SER B 132 11.77 1.25 -5.79
C SER B 132 10.71 2.34 -5.92
N ALA B 133 9.76 2.14 -6.83
CA ALA B 133 8.71 3.13 -7.06
C ALA B 133 7.34 2.48 -7.29
N ASN B 134 6.33 2.98 -6.59
CA ASN B 134 4.93 2.60 -6.82
C ASN B 134 4.31 3.61 -7.80
N ILE B 135 4.03 3.17 -9.02
CA ILE B 135 3.60 4.09 -10.05
C ILE B 135 2.09 3.99 -10.24
N ARG B 136 1.41 5.12 -10.10
CA ARG B 136 0.00 5.22 -10.48
C ARG B 136 -0.07 5.74 -11.91
N LEU B 137 -0.45 4.85 -12.82
CA LEU B 137 -0.45 5.18 -14.23
C LEU B 137 -1.47 6.27 -14.56
N THR B 138 -1.07 7.17 -15.44
CA THR B 138 -1.94 8.24 -15.87
C THR B 138 -2.22 8.07 -17.36
N ALA B 139 -3.38 8.57 -17.78
CA ALA B 139 -3.75 8.59 -19.19
C ALA B 139 -4.07 10.04 -19.55
N MET B 140 -3.24 10.62 -20.40
CA MET B 140 -3.32 12.04 -20.76
C MET B 140 -3.56 12.92 -19.53
N THR B 141 -2.70 12.72 -18.52
CA THR B 141 -2.74 13.41 -17.22
C THR B 141 -3.71 12.76 -16.21
N LEU B 142 -4.72 12.08 -16.72
CA LEU B 142 -5.80 11.58 -15.87
C LEU B 142 -5.39 10.41 -14.97
N LYS B 143 -5.72 10.52 -13.69
CA LYS B 143 -5.53 9.43 -12.75
C LYS B 143 -6.37 8.20 -13.16
N THR B 144 -5.75 7.01 -13.21
CA THR B 144 -6.46 5.81 -13.65
C THR B 144 -6.55 4.76 -12.55
N ASN B 145 -7.25 3.66 -12.82
CA ASN B 145 -7.29 2.58 -11.86
C ASN B 145 -6.05 1.64 -11.93
N GLN B 146 -5.11 1.90 -12.83
CA GLN B 146 -4.01 0.95 -13.06
C GLN B 146 -2.70 1.41 -12.42
N VAL B 147 -1.96 0.44 -11.90
CA VAL B 147 -0.71 0.73 -11.20
C VAL B 147 0.44 -0.06 -11.79
N ALA B 148 1.67 0.31 -11.43
CA ALA B 148 2.85 -0.49 -11.76
C ALA B 148 3.85 -0.42 -10.60
N ILE B 149 4.66 -1.48 -10.47
CA ILE B 149 5.80 -1.43 -9.57
C ILE B 149 7.10 -1.56 -10.38
N ALA B 150 8.08 -0.72 -10.05
CA ALA B 150 9.37 -0.70 -10.73
C ALA B 150 10.50 -0.67 -9.71
N GLN B 151 11.39 -1.66 -9.80
CA GLN B 151 12.50 -1.75 -8.86
C GLN B 151 13.83 -1.92 -9.55
N THR B 152 14.85 -1.22 -9.05
CA THR B 152 16.20 -1.46 -9.51
C THR B 152 16.87 -2.41 -8.53
N LEU B 153 17.33 -3.53 -9.07
CA LEU B 153 18.02 -4.55 -8.30
C LEU B 153 19.51 -4.61 -8.63
N GLU B 154 20.31 -4.92 -7.61
CA GLU B 154 21.74 -5.13 -7.81
C GLU B 154 22.05 -6.60 -7.54
N CYS B 155 22.56 -7.28 -8.55
CA CYS B 155 22.96 -8.68 -8.39
C CYS B 155 24.16 -8.76 -7.43
N LYS B 156 24.06 -9.58 -6.40
CA LYS B 156 25.07 -9.60 -5.33
C LYS B 156 26.41 -10.19 -5.77
N GLU B 157 26.38 -11.17 -6.67
CA GLU B 157 27.62 -11.80 -7.15
C GLU B 157 28.38 -10.91 -8.13
N SER B 158 27.67 -10.30 -9.06
CA SER B 158 28.34 -9.51 -10.11
C SER B 158 28.29 -8.00 -9.87
N GLY B 159 27.28 -7.53 -9.15
CA GLY B 159 27.15 -6.10 -8.93
C GLY B 159 26.37 -5.40 -10.03
N ARG B 160 26.09 -6.11 -11.12
CA ARG B 160 25.30 -5.55 -12.21
C ARG B 160 23.91 -5.15 -11.74
N GLN B 161 23.50 -3.94 -12.14
CA GLN B 161 22.18 -3.42 -11.82
C GLN B 161 21.25 -3.54 -13.02
N PHE B 162 20.01 -3.89 -12.76
CA PHE B 162 18.99 -3.90 -13.81
C PHE B 162 17.67 -3.42 -13.20
N CYS B 163 16.69 -3.08 -14.04
CA CYS B 163 15.39 -2.64 -13.54
C CYS B 163 14.30 -3.62 -13.91
N ILE B 164 13.54 -4.08 -12.92
CA ILE B 164 12.41 -4.97 -13.14
C ILE B 164 11.10 -4.21 -12.86
N ALA B 165 10.14 -4.36 -13.76
CA ALA B 165 8.86 -3.64 -13.64
C ALA B 165 7.67 -4.57 -13.86
N VAL B 166 6.62 -4.38 -13.08
CA VAL B 166 5.40 -5.15 -13.25
C VAL B 166 4.20 -4.21 -13.38
N THR B 167 3.26 -4.56 -14.24
CA THR B 167 2.06 -3.77 -14.38
C THR B 167 0.87 -4.60 -14.83
N HIS B 168 -0.30 -3.95 -14.84
CA HIS B 168 -1.57 -4.55 -15.23
C HIS B 168 -2.41 -3.44 -15.85
N LEU B 169 -2.62 -3.46 -17.16
CA LEU B 169 -3.28 -2.35 -17.82
C LEU B 169 -4.80 -2.55 -17.87
N LYS B 170 -5.49 -1.48 -18.27
CA LYS B 170 -6.94 -1.44 -18.35
C LYS B 170 -7.54 -2.59 -19.17
N ALA B 171 -8.52 -3.28 -18.58
CA ALA B 171 -9.19 -4.41 -19.22
C ALA B 171 -10.25 -4.02 -20.27
N ARG B 172 -10.52 -4.97 -21.16
CA ARG B 172 -11.67 -5.06 -22.07
C ARG B 172 -11.52 -4.26 -23.36
N THR B 173 -12.34 -4.63 -24.35
CA THR B 173 -12.38 -3.96 -25.63
C THR B 173 -12.97 -2.56 -25.46
N GLY B 174 -12.49 -1.62 -26.27
CA GLY B 174 -13.00 -0.26 -26.22
C GLY B 174 -12.13 0.69 -25.42
N TRP B 175 -11.00 0.17 -24.90
CA TRP B 175 -10.09 0.98 -24.12
C TRP B 175 -8.68 0.94 -24.69
N GLU B 176 -8.61 0.89 -26.02
CA GLU B 176 -7.34 0.74 -26.71
C GLU B 176 -6.49 2.02 -26.63
N ARG B 177 -7.10 3.16 -26.94
CA ARG B 177 -6.40 4.44 -26.88
C ARG B 177 -6.02 4.74 -25.44
N PHE B 178 -6.88 4.29 -24.53
CA PHE B 178 -6.64 4.42 -23.11
C PHE B 178 -5.39 3.62 -22.66
N ARG B 179 -5.35 2.33 -22.98
CA ARG B 179 -4.17 1.51 -22.70
C ARG B 179 -2.90 2.08 -23.31
N SER B 180 -3.04 2.62 -24.52
CA SER B 180 -1.91 3.22 -25.20
C SER B 180 -1.33 4.40 -24.41
N ALA B 181 -2.19 5.28 -23.89
CA ALA B 181 -1.68 6.40 -23.10
C ALA B 181 -1.09 5.91 -21.77
N GLN B 182 -1.74 4.92 -21.17
CA GLN B 182 -1.23 4.31 -19.96
C GLN B 182 0.17 3.74 -20.15
N GLY B 183 0.32 2.89 -21.15
CA GLY B 183 1.60 2.27 -21.44
C GLY B 183 2.69 3.30 -21.73
N CYS B 184 2.32 4.38 -22.40
CA CYS B 184 3.28 5.41 -22.75
C CYS B 184 3.76 6.13 -21.49
N ASP B 185 2.85 6.32 -20.53
CA ASP B 185 3.23 6.91 -19.25
C ASP B 185 4.20 5.99 -18.48
N LEU B 186 3.93 4.70 -18.49
CA LEU B 186 4.81 3.76 -17.82
C LEU B 186 6.22 3.81 -18.47
N LEU B 187 6.26 3.79 -19.79
CA LEU B 187 7.53 3.90 -20.53
C LEU B 187 8.33 5.12 -20.07
N GLN B 188 7.64 6.26 -19.95
CA GLN B 188 8.30 7.49 -19.57
C GLN B 188 8.88 7.38 -18.17
N ASN B 189 8.11 6.77 -17.27
CA ASN B 189 8.59 6.46 -15.93
C ASN B 189 9.80 5.51 -15.95
N LEU B 190 9.77 4.52 -16.83
CA LEU B 190 10.86 3.54 -16.85
C LEU B 190 12.11 4.17 -17.45
N GLN B 191 11.93 5.09 -18.39
CA GLN B 191 13.05 5.79 -18.98
C GLN B 191 13.72 6.71 -17.95
N ASN B 192 12.91 7.41 -17.16
CA ASN B 192 13.44 8.20 -16.04
C ASN B 192 14.29 7.36 -15.07
N ILE B 193 13.74 6.21 -14.68
CA ILE B 193 14.39 5.38 -13.69
C ILE B 193 15.67 4.76 -14.22
N THR B 194 15.63 4.28 -15.46
CA THR B 194 16.79 3.60 -16.01
C THR B 194 17.80 4.61 -16.55
N GLN B 195 17.54 5.88 -16.25
CA GLN B 195 18.36 6.98 -16.70
C GLN B 195 18.64 6.86 -18.19
N GLY B 196 17.58 6.61 -18.94
CA GLY B 196 17.63 6.59 -20.39
C GLY B 196 18.32 5.38 -20.98
N ALA B 197 17.85 4.19 -20.59
CA ALA B 197 18.36 2.92 -21.13
C ALA B 197 19.87 2.72 -20.90
N LYS B 198 20.33 3.15 -19.73
CA LYS B 198 21.68 2.84 -19.27
C LYS B 198 21.59 1.55 -18.46
N ILE B 199 20.69 1.57 -17.46
CA ILE B 199 20.32 0.38 -16.72
C ILE B 199 19.42 -0.51 -17.58
N PRO B 200 19.82 -1.78 -17.78
CA PRO B 200 18.99 -2.76 -18.49
C PRO B 200 17.61 -2.90 -17.87
N LEU B 201 16.64 -3.33 -18.67
CA LEU B 201 15.26 -3.30 -18.25
C LEU B 201 14.49 -4.57 -18.64
N ILE B 202 13.64 -5.01 -17.72
CA ILE B 202 12.72 -6.10 -17.95
C ILE B 202 11.31 -5.68 -17.50
N VAL B 203 10.33 -5.80 -18.39
CA VAL B 203 8.96 -5.47 -18.06
C VAL B 203 8.01 -6.66 -18.16
N CYS B 204 7.34 -6.97 -17.06
CA CYS B 204 6.33 -8.02 -17.01
C CYS B 204 4.94 -7.43 -16.92
N GLY B 205 4.01 -7.94 -17.73
CA GLY B 205 2.66 -7.47 -17.62
C GLY B 205 1.58 -8.25 -18.34
N ASP B 206 0.41 -8.24 -17.73
CA ASP B 206 -0.83 -8.52 -18.44
C ASP B 206 -1.25 -7.16 -19.03
N PHE B 207 -0.92 -6.95 -20.30
CA PHE B 207 -1.18 -5.68 -20.95
C PHE B 207 -2.63 -5.56 -21.44
N ASN B 208 -3.36 -6.67 -21.42
CA ASN B 208 -4.77 -6.68 -21.86
C ASN B 208 -4.95 -6.18 -23.29
N ALA B 209 -4.02 -6.59 -24.15
CA ALA B 209 -4.00 -6.14 -25.52
C ALA B 209 -3.20 -7.12 -26.40
N GLU B 210 -3.79 -7.49 -27.54
CA GLU B 210 -3.16 -8.27 -28.58
C GLU B 210 -2.02 -7.49 -29.23
N PRO B 211 -1.10 -8.18 -29.94
CA PRO B 211 0.05 -7.50 -30.58
C PRO B 211 -0.35 -6.49 -31.64
N THR B 212 -1.61 -6.52 -32.07
CA THR B 212 -2.09 -5.55 -33.06
C THR B 212 -2.52 -4.19 -32.45
N GLU B 213 -2.65 -4.12 -31.13
CA GLU B 213 -3.04 -2.87 -30.47
C GLU B 213 -1.89 -1.88 -30.38
N GLU B 214 -2.23 -0.61 -30.30
CA GLU B 214 -1.27 0.48 -30.26
C GLU B 214 -0.24 0.35 -29.13
N VAL B 215 -0.69 -0.06 -27.94
CA VAL B 215 0.19 -0.11 -26.78
C VAL B 215 1.33 -1.11 -26.99
N TYR B 216 1.05 -2.21 -27.69
CA TYR B 216 2.08 -3.16 -28.04
C TYR B 216 3.10 -2.51 -28.98
N LYS B 217 2.58 -1.82 -29.98
CA LYS B 217 3.44 -1.19 -30.98
C LYS B 217 4.33 -0.13 -30.35
N HIS B 218 3.84 0.50 -29.29
CA HIS B 218 4.62 1.52 -28.59
C HIS B 218 5.77 0.91 -27.82
N PHE B 219 5.52 -0.19 -27.16
CA PHE B 219 6.57 -0.89 -26.46
C PHE B 219 7.61 -1.45 -27.44
N ALA B 220 7.17 -1.96 -28.59
CA ALA B 220 8.11 -2.56 -29.54
C ALA B 220 8.93 -1.53 -30.31
N SER B 221 8.47 -0.27 -30.39
CA SER B 221 9.24 0.73 -31.14
C SER B 221 9.88 1.77 -30.24
N SER B 222 9.68 1.62 -28.93
CA SER B 222 10.27 2.52 -27.95
C SER B 222 11.79 2.54 -28.00
N SER B 223 12.36 3.73 -27.86
CA SER B 223 13.82 3.90 -27.92
C SER B 223 14.55 3.15 -26.81
N LEU B 224 13.81 2.57 -25.88
CA LEU B 224 14.38 1.74 -24.83
C LEU B 224 14.89 0.41 -25.40
N ASN B 225 14.60 0.18 -26.68
CA ASN B 225 15.03 -1.04 -27.40
C ASN B 225 14.66 -2.33 -26.67
N LEU B 226 13.35 -2.55 -26.56
CA LEU B 226 12.83 -3.73 -25.90
C LEU B 226 12.38 -4.78 -26.92
N ASN B 227 12.59 -6.03 -26.57
CA ASN B 227 12.01 -7.13 -27.31
C ASN B 227 11.02 -7.87 -26.44
N SER B 228 10.20 -8.70 -27.05
CA SER B 228 9.23 -9.53 -26.35
C SER B 228 9.70 -10.99 -26.40
N ALA B 229 9.88 -11.60 -25.22
CA ALA B 229 10.62 -12.87 -25.07
C ALA B 229 9.94 -14.10 -25.67
N TYR B 230 8.63 -14.20 -25.52
CA TYR B 230 7.90 -15.39 -25.95
C TYR B 230 7.70 -15.47 -27.47
N LYS B 231 8.06 -14.42 -28.20
CA LYS B 231 8.19 -14.53 -29.65
C LYS B 231 9.26 -15.56 -30.03
N LEU B 232 10.19 -15.83 -29.12
CA LEU B 232 11.28 -16.76 -29.44
C LEU B 232 10.76 -18.21 -29.51
N LEU B 233 9.54 -18.45 -29.05
CA LEU B 233 8.94 -19.77 -29.16
C LEU B 233 8.43 -20.05 -30.57
N SER B 234 8.19 -19.00 -31.35
CA SER B 234 7.68 -19.20 -32.70
C SER B 234 8.78 -19.72 -33.62
N ALA B 235 8.38 -20.43 -34.67
CA ALA B 235 9.32 -21.15 -35.54
C ALA B 235 10.44 -20.26 -36.07
N ASP B 236 10.15 -18.98 -36.28
CA ASP B 236 11.12 -18.04 -36.83
C ASP B 236 11.52 -16.93 -35.86
N GLY B 237 10.77 -16.78 -34.77
CA GLY B 237 11.10 -15.78 -33.78
C GLY B 237 10.34 -14.46 -33.93
N GLN B 238 9.50 -14.36 -34.94
CA GLN B 238 8.83 -13.11 -35.26
C GLN B 238 7.38 -13.08 -34.79
N SER B 239 6.95 -14.14 -34.14
CA SER B 239 5.54 -14.32 -33.85
C SER B 239 5.27 -14.53 -32.35
N GLU B 240 4.42 -13.67 -31.80
CA GLU B 240 3.88 -13.86 -30.45
C GLU B 240 3.05 -15.13 -30.44
N PRO B 241 2.97 -15.80 -29.30
CA PRO B 241 2.21 -17.05 -29.24
C PRO B 241 0.71 -16.85 -29.51
N PRO B 242 0.07 -17.86 -30.10
CA PRO B 242 -1.36 -17.84 -30.44
C PRO B 242 -2.27 -17.51 -29.25
N TYR B 243 -1.84 -17.81 -28.03
CA TYR B 243 -2.60 -17.43 -26.84
C TYR B 243 -1.71 -17.43 -25.58
N THR B 244 -2.07 -16.64 -24.58
CA THR B 244 -1.43 -16.71 -23.26
C THR B 244 -2.48 -16.88 -22.16
N THR B 245 -3.71 -17.17 -22.57
CA THR B 245 -4.77 -17.39 -21.63
C THR B 245 -5.24 -18.84 -21.67
N TRP B 246 -6.06 -19.20 -20.69
CA TRP B 246 -6.57 -20.56 -20.57
C TRP B 246 -8.04 -20.53 -20.15
N ARG B 255 -9.52 -11.76 -28.12
CA ARG B 255 -8.20 -11.46 -27.59
C ARG B 255 -7.73 -12.59 -26.68
N HIS B 256 -6.57 -13.16 -26.99
CA HIS B 256 -6.08 -14.36 -26.32
C HIS B 256 -4.63 -14.24 -25.89
N THR B 257 -3.88 -13.39 -26.58
CA THR B 257 -2.51 -13.09 -26.21
C THR B 257 -2.47 -11.71 -25.57
N LEU B 258 -2.26 -11.70 -24.27
CA LEU B 258 -2.46 -10.52 -23.43
C LEU B 258 -1.28 -10.28 -22.52
N ASP B 259 -0.46 -11.31 -22.34
CA ASP B 259 0.67 -11.27 -21.41
C ASP B 259 2.01 -11.24 -22.13
N TYR B 260 2.97 -10.52 -21.57
CA TYR B 260 4.27 -10.35 -22.22
C TYR B 260 5.39 -10.15 -21.21
N ILE B 261 6.59 -10.54 -21.62
CA ILE B 261 7.81 -10.20 -20.92
C ILE B 261 8.73 -9.45 -21.89
N TRP B 262 8.85 -8.15 -21.68
CA TRP B 262 9.74 -7.31 -22.47
C TRP B 262 11.12 -7.22 -21.80
N TYR B 263 12.17 -7.11 -22.63
CA TYR B 263 13.54 -7.02 -22.13
C TYR B 263 14.41 -6.20 -23.08
N SER B 264 15.37 -5.46 -22.54
CA SER B 264 16.35 -4.74 -23.37
C SER B 264 17.15 -5.67 -24.29
N LYS B 265 16.87 -5.62 -25.58
CA LYS B 265 17.44 -6.55 -26.55
C LYS B 265 18.98 -6.51 -26.65
N HIS B 266 19.57 -5.40 -26.24
CA HIS B 266 21.01 -5.23 -26.42
C HIS B 266 21.81 -5.57 -25.17
N ALA B 267 21.13 -5.67 -24.03
CA ALA B 267 21.79 -5.93 -22.78
C ALA B 267 21.54 -7.35 -22.27
N LEU B 268 20.43 -7.92 -22.72
CA LEU B 268 19.97 -9.20 -22.19
C LEU B 268 19.67 -10.17 -23.31
N ASN B 269 19.85 -11.46 -22.99
CA ASN B 269 19.59 -12.57 -23.89
C ASN B 269 18.71 -13.60 -23.19
N VAL B 270 17.84 -14.26 -23.95
CA VAL B 270 16.96 -15.27 -23.40
C VAL B 270 17.55 -16.66 -23.65
N ARG B 271 17.72 -17.45 -22.59
CA ARG B 271 18.33 -18.76 -22.74
C ARG B 271 17.27 -19.84 -22.80
N SER B 272 16.18 -19.62 -22.06
CA SER B 272 15.08 -20.59 -21.99
C SER B 272 13.74 -19.88 -21.85
N ALA B 273 12.66 -20.58 -22.20
CA ALA B 273 11.32 -20.10 -21.90
C ALA B 273 10.41 -21.30 -21.71
N LEU B 274 9.43 -21.16 -20.83
CA LEU B 274 8.51 -22.24 -20.52
C LEU B 274 7.42 -22.31 -21.57
N ASP B 275 7.30 -23.45 -22.24
CA ASP B 275 6.38 -23.58 -23.38
C ASP B 275 4.93 -23.52 -22.92
N LEU B 276 3.99 -23.50 -23.85
CA LEU B 276 2.59 -23.26 -23.49
C LEU B 276 1.77 -24.52 -23.72
N LEU B 277 0.71 -24.69 -22.92
CA LEU B 277 -0.19 -25.83 -23.09
C LEU B 277 -0.83 -25.83 -24.48
N LEU B 287 -15.20 -35.06 -20.75
CA LEU B 287 -14.54 -34.99 -19.44
C LEU B 287 -13.62 -33.77 -19.34
N PRO B 288 -13.62 -33.12 -18.16
CA PRO B 288 -12.87 -31.87 -17.94
C PRO B 288 -11.40 -31.97 -18.32
N SER B 289 -10.79 -30.82 -18.57
CA SER B 289 -9.35 -30.74 -18.71
C SER B 289 -8.75 -30.87 -17.33
N PHE B 290 -7.44 -31.09 -17.27
CA PHE B 290 -6.75 -30.95 -16.01
C PHE B 290 -6.93 -29.50 -15.55
N ASN B 291 -7.00 -29.29 -14.24
CA ASN B 291 -7.18 -27.96 -13.70
C ASN B 291 -5.94 -27.10 -13.80
N TYR B 292 -6.12 -25.87 -14.26
CA TYR B 292 -5.08 -24.87 -14.18
C TYR B 292 -5.58 -23.77 -13.24
N PRO B 293 -4.71 -23.29 -12.33
CA PRO B 293 -5.19 -22.44 -11.24
C PRO B 293 -5.39 -20.97 -11.62
N SER B 294 -5.36 -20.62 -12.90
CA SER B 294 -5.70 -19.28 -13.34
C SER B 294 -6.22 -19.31 -14.78
N ASP B 295 -6.83 -18.21 -15.22
CA ASP B 295 -7.25 -18.17 -16.62
C ASP B 295 -6.14 -17.61 -17.50
N HIS B 296 -5.03 -17.23 -16.89
CA HIS B 296 -3.80 -16.93 -17.65
C HIS B 296 -2.72 -17.97 -17.41
N LEU B 297 -1.94 -18.24 -18.45
CA LEU B 297 -0.75 -19.05 -18.36
C LEU B 297 0.37 -18.24 -17.75
N SER B 298 1.13 -18.87 -16.85
CA SER B 298 2.37 -18.28 -16.33
C SER B 298 3.40 -18.18 -17.45
N LEU B 299 4.19 -17.12 -17.45
CA LEU B 299 5.28 -16.97 -18.41
C LEU B 299 6.58 -17.03 -17.61
N VAL B 300 7.50 -17.87 -18.04
CA VAL B 300 8.77 -18.02 -17.35
C VAL B 300 9.93 -18.01 -18.32
N CYS B 301 10.88 -17.09 -18.13
CA CYS B 301 12.05 -17.01 -19.01
C CYS B 301 13.30 -16.97 -18.17
N ASP B 302 14.40 -17.47 -18.75
CA ASP B 302 15.70 -17.34 -18.15
C ASP B 302 16.52 -16.31 -18.92
N PHE B 303 17.08 -15.34 -18.21
CA PHE B 303 17.86 -14.28 -18.85
C PHE B 303 19.32 -14.33 -18.41
N SER B 304 20.18 -13.81 -19.26
CA SER B 304 21.57 -13.63 -18.89
C SER B 304 22.05 -12.38 -19.58
N PHE B 305 23.06 -11.73 -19.01
CA PHE B 305 23.56 -10.49 -19.57
C PHE B 305 24.41 -10.71 -20.83
N THR B 306 24.39 -9.71 -21.70
CA THR B 306 25.19 -9.73 -22.92
C THR B 306 26.66 -9.46 -22.59
MG MG C . -4.25 -1.57 20.82
MG MG D . -1.41 0.70 21.87
S SO4 E . 3.74 -4.62 16.13
O1 SO4 E . 3.44 -4.03 17.43
O2 SO4 E . 2.95 -3.96 15.09
O3 SO4 E . 5.15 -4.45 15.83
O4 SO4 E . 3.40 -6.04 16.15
MG MG F . -8.73 -11.25 -14.66
MG MG G . -7.39 -9.71 -18.13
S SO4 H . -10.44 -1.95 -14.36
O1 SO4 H . -11.24 -2.78 -13.48
O2 SO4 H . -11.27 -0.89 -14.89
O3 SO4 H . -9.90 -2.77 -15.47
O4 SO4 H . -9.34 -1.34 -13.62
#